data_9H4F
#
_entry.id   9H4F
#
_cell.length_a   184.268
_cell.length_b   184.268
_cell.length_c   184.268
_cell.angle_alpha   90.00
_cell.angle_beta   90.00
_cell.angle_gamma   90.00
#
_symmetry.space_group_name_H-M   'I 21 3'
#
loop_
_entity.id
_entity.type
_entity.pdbx_description
1 polymer '6-phosphogluconate dehydrogenase'
2 non-polymer 'NADP NICOTINAMIDE-ADENINE-DINUCLEOTIDE PHOSPHATE'
#
_entity_poly.entity_id   1
_entity_poly.type   'polypeptide(L)'
_entity_poly.pdbx_seq_one_letter_code
;MSDPNADRPPVTVVGLGLMGQALAAAFLKGGHPTTVWNRSPEKAERLVADGAVLADTLESAVTASPLVIVCVSDYDAVHE
LIRPVESALAGRVLVNLTTATSTQARETAEWAAQRNIPYLDGAIWAFPPVIGTDGAVLLYSGHKSAFEAHESTLKAIAPA
ATTYLEEDHGLSSLYDMAVLGIMWGILNGFLHGAALLGTAKVKAETFAPLANTMISAITEYVTAYAPQVDEGRYEATDAT
MTVHQAAMELLAEESEHLGIHSELPRFFKTLADRAVADGHAENSYAAMIELFRKPTA
;
_entity_poly.pdbx_strand_id   A,B
#
# COMPACT_ATOMS: atom_id res chain seq x y z
N ASP A 7 -37.28 -1.09 -15.40
CA ASP A 7 -36.35 0.07 -15.60
C ASP A 7 -36.10 0.75 -14.27
N ARG A 8 -34.81 0.94 -13.93
CA ARG A 8 -34.42 1.24 -12.57
C ARG A 8 -35.52 0.66 -11.67
N PRO A 9 -35.58 -0.69 -11.51
CA PRO A 9 -36.56 -1.29 -10.61
C PRO A 9 -36.33 -0.90 -9.15
N PRO A 10 -37.26 -1.30 -8.25
CA PRO A 10 -37.07 -1.13 -6.82
C PRO A 10 -35.94 -1.96 -6.25
N VAL A 11 -35.69 -1.68 -4.98
CA VAL A 11 -34.53 -2.17 -4.28
C VAL A 11 -34.72 -1.76 -2.83
N THR A 12 -34.14 -2.57 -1.96
CA THR A 12 -34.29 -2.35 -0.54
C THR A 12 -32.90 -2.62 0.01
N VAL A 13 -32.43 -1.72 0.89
CA VAL A 13 -31.12 -1.88 1.50
C VAL A 13 -31.27 -1.82 3.01
N VAL A 14 -30.49 -2.66 3.69
CA VAL A 14 -30.61 -2.80 5.13
C VAL A 14 -29.29 -2.49 5.83
N GLY A 15 -29.38 -1.61 6.84
CA GLY A 15 -28.19 -1.11 7.53
C GLY A 15 -27.75 0.25 7.00
N LEU A 16 -27.69 1.23 7.90
CA LEU A 16 -27.45 2.60 7.49
C LEU A 16 -26.18 3.13 8.12
N GLY A 17 -25.14 2.26 8.11
CA GLY A 17 -23.81 2.72 8.47
C GLY A 17 -23.35 3.84 7.54
N LEU A 18 -22.16 4.38 7.79
CA LEU A 18 -21.59 5.29 6.83
C LEU A 18 -21.74 4.62 5.45
N MET A 19 -21.40 3.34 5.38
CA MET A 19 -21.49 2.56 4.16
C MET A 19 -22.95 2.32 3.78
N GLY A 20 -23.73 1.82 4.75
CA GLY A 20 -25.15 1.60 4.54
C GLY A 20 -25.81 2.72 3.71
N GLN A 21 -25.69 3.94 4.20
CA GLN A 21 -26.43 5.05 3.63
C GLN A 21 -25.92 5.33 2.21
N ALA A 22 -24.62 5.17 2.00
CA ALA A 22 -23.97 5.54 0.75
C ALA A 22 -24.64 4.86 -0.44
N LEU A 23 -24.97 3.59 -0.26
CA LEU A 23 -25.58 2.76 -1.29
C LEU A 23 -26.94 3.32 -1.68
N ALA A 24 -27.81 3.44 -0.67
CA ALA A 24 -29.16 3.93 -0.89
C ALA A 24 -29.17 5.01 -1.97
N ALA A 25 -28.38 6.07 -1.76
CA ALA A 25 -28.28 7.14 -2.75
C ALA A 25 -28.01 6.56 -4.13
N ALA A 26 -26.89 5.86 -4.29
CA ALA A 26 -26.58 5.29 -5.59
C ALA A 26 -27.86 4.80 -6.27
N PHE A 27 -28.64 4.01 -5.53
CA PHE A 27 -29.93 3.55 -6.01
C PHE A 27 -30.82 4.76 -6.26
N LEU A 28 -31.15 5.47 -5.17
CA LEU A 28 -32.03 6.62 -5.20
C LEU A 28 -31.55 7.55 -6.31
N LYS A 29 -30.29 7.96 -6.21
CA LYS A 29 -29.65 8.77 -7.22
C LYS A 29 -29.19 7.86 -8.36
N GLY A 30 -30.07 6.95 -8.76
CA GLY A 30 -29.92 6.20 -10.00
C GLY A 30 -31.26 5.63 -10.45
N GLY A 31 -32.35 6.37 -10.15
CA GLY A 31 -33.69 5.94 -10.51
C GLY A 31 -34.27 4.97 -9.48
N HIS A 32 -33.61 3.83 -9.34
CA HIS A 32 -34.08 2.76 -8.47
C HIS A 32 -34.73 3.34 -7.20
N PRO A 33 -36.07 3.24 -7.06
CA PRO A 33 -36.74 3.56 -5.80
C PRO A 33 -36.33 2.66 -4.62
N THR A 34 -35.83 3.28 -3.56
CA THR A 34 -35.23 2.45 -2.48
C THR A 34 -35.97 2.55 -1.18
N THR A 35 -36.28 1.41 -0.58
CA THR A 35 -36.87 1.39 0.77
C THR A 35 -35.72 1.03 1.68
N VAL A 36 -35.67 1.59 2.90
CA VAL A 36 -34.48 1.36 3.76
C VAL A 36 -34.91 1.00 5.20
N TRP A 37 -34.13 0.18 5.91
CA TRP A 37 -34.46 -0.09 7.30
C TRP A 37 -33.20 -0.33 8.11
N ASN A 38 -33.27 0.04 9.40
CA ASN A 38 -32.13 0.04 10.31
C ASN A 38 -32.60 -0.09 11.75
N ARG A 39 -31.83 -0.79 12.59
CA ARG A 39 -32.28 -1.15 13.94
C ARG A 39 -32.62 0.12 14.73
N SER A 40 -31.69 1.09 14.78
CA SER A 40 -31.84 2.26 15.63
C SER A 40 -32.67 3.36 14.97
N PRO A 41 -32.82 3.28 13.62
CA PRO A 41 -33.53 4.31 12.86
C PRO A 41 -32.94 5.70 13.08
N GLU A 42 -33.83 6.71 13.18
CA GLU A 42 -33.49 8.11 13.24
C GLU A 42 -32.60 8.48 12.05
N LYS A 43 -31.35 7.99 12.08
CA LYS A 43 -30.33 8.30 11.09
C LYS A 43 -30.84 8.08 9.66
N ALA A 44 -31.42 9.12 9.02
CA ALA A 44 -31.97 8.99 7.66
C ALA A 44 -32.10 10.32 6.92
N GLU A 45 -33.04 11.17 7.37
CA GLU A 45 -33.31 12.49 6.80
C GLU A 45 -32.76 12.62 5.38
N ARG A 46 -31.45 12.87 5.26
CA ARG A 46 -30.84 13.21 3.98
C ARG A 46 -31.30 12.23 2.90
N LEU A 47 -31.26 10.92 3.21
CA LEU A 47 -31.76 9.91 2.28
C LEU A 47 -33.25 10.22 2.02
N VAL A 48 -34.07 10.25 3.07
CA VAL A 48 -35.52 10.51 2.89
C VAL A 48 -35.69 11.85 2.16
N ALA A 49 -34.93 12.86 2.55
CA ALA A 49 -35.00 14.16 1.90
C ALA A 49 -34.65 13.99 0.44
N ASP A 50 -33.58 13.22 0.18
CA ASP A 50 -33.19 12.84 -1.17
C ASP A 50 -34.19 11.84 -1.74
N GLY A 51 -35.32 11.64 -1.07
CA GLY A 51 -36.42 10.83 -1.67
C GLY A 51 -36.37 9.35 -1.38
N ALA A 52 -36.10 8.96 -0.13
CA ALA A 52 -36.15 7.51 0.19
C ALA A 52 -37.41 7.21 1.00
N VAL A 53 -37.61 5.93 1.30
CA VAL A 53 -38.83 5.52 2.06
C VAL A 53 -38.41 4.83 3.36
N LEU A 54 -38.58 5.50 4.49
CA LEU A 54 -38.30 4.83 5.79
C LEU A 54 -39.35 3.72 5.93
N ALA A 55 -39.00 2.62 6.59
CA ALA A 55 -39.96 1.50 6.60
C ALA A 55 -40.49 1.21 8.01
N ASP A 56 -41.79 0.90 8.12
CA ASP A 56 -42.38 0.45 9.37
C ASP A 56 -41.40 -0.53 10.03
N THR A 57 -41.41 -1.77 9.55
CA THR A 57 -40.59 -2.81 10.09
C THR A 57 -39.69 -3.35 8.98
N LEU A 58 -38.93 -4.40 9.33
CA LEU A 58 -38.06 -5.07 8.39
C LEU A 58 -38.90 -5.73 7.29
N GLU A 59 -39.84 -6.61 7.66
CA GLU A 59 -40.68 -7.30 6.67
C GLU A 59 -41.21 -6.26 5.69
N SER A 60 -41.88 -5.23 6.22
CA SER A 60 -42.33 -4.12 5.39
C SER A 60 -41.26 -3.74 4.38
N ALA A 61 -40.06 -3.46 4.90
CA ALA A 61 -38.96 -3.05 4.03
C ALA A 61 -38.64 -4.13 3.01
N VAL A 62 -38.66 -5.40 3.43
CA VAL A 62 -38.27 -6.47 2.53
C VAL A 62 -39.30 -6.53 1.40
N THR A 63 -40.53 -6.88 1.79
CA THR A 63 -41.74 -6.77 0.99
C THR A 63 -41.56 -5.75 -0.13
N ALA A 64 -41.16 -4.53 0.23
CA ALA A 64 -41.14 -3.43 -0.71
C ALA A 64 -39.91 -3.45 -1.62
N SER A 65 -39.71 -4.54 -2.39
CA SER A 65 -38.69 -4.58 -3.43
C SER A 65 -38.35 -6.01 -3.82
N PRO A 66 -37.85 -6.27 -5.06
CA PRO A 66 -37.39 -7.63 -5.45
C PRO A 66 -35.96 -7.89 -5.00
N LEU A 67 -35.18 -6.85 -4.77
CA LEU A 67 -33.74 -7.03 -4.42
C LEU A 67 -33.50 -6.52 -2.99
N VAL A 68 -32.89 -7.37 -2.16
CA VAL A 68 -32.66 -6.99 -0.73
C VAL A 68 -31.15 -6.92 -0.48
N ILE A 69 -30.62 -5.71 -0.30
CA ILE A 69 -29.23 -5.52 -0.02
C ILE A 69 -29.02 -5.35 1.49
N VAL A 70 -28.11 -6.15 2.04
CA VAL A 70 -27.83 -6.04 3.46
C VAL A 70 -26.34 -5.74 3.64
N CYS A 71 -26.13 -4.65 4.36
CA CYS A 71 -24.82 -4.12 4.68
C CYS A 71 -24.85 -3.71 6.15
N VAL A 72 -24.24 -4.53 7.01
CA VAL A 72 -24.26 -4.30 8.45
C VAL A 72 -22.93 -4.74 9.02
N SER A 73 -22.76 -4.54 10.33
CA SER A 73 -21.59 -4.96 11.08
C SER A 73 -21.08 -6.34 10.62
N ASP A 74 -21.82 -7.41 10.92
CA ASP A 74 -21.22 -8.75 10.83
C ASP A 74 -22.27 -9.85 10.64
N TYR A 75 -21.82 -10.99 10.11
CA TYR A 75 -22.73 -12.08 9.81
C TYR A 75 -23.59 -12.43 11.04
N ASP A 76 -23.05 -12.25 12.24
CA ASP A 76 -23.85 -12.40 13.45
C ASP A 76 -25.13 -11.57 13.36
N ALA A 77 -24.98 -10.30 12.99
CA ALA A 77 -26.14 -9.43 12.84
C ALA A 77 -27.02 -10.00 11.74
N VAL A 78 -26.44 -10.05 10.53
CA VAL A 78 -27.13 -10.59 9.38
C VAL A 78 -28.06 -11.72 9.82
N HIS A 79 -27.49 -12.79 10.36
CA HIS A 79 -28.28 -13.97 10.65
C HIS A 79 -29.54 -13.60 11.42
N GLU A 80 -29.40 -12.76 12.45
CA GLU A 80 -30.51 -12.49 13.36
C GLU A 80 -31.41 -11.40 12.81
N LEU A 81 -31.23 -11.06 11.52
CA LEU A 81 -32.24 -10.31 10.79
C LEU A 81 -33.04 -11.26 9.91
N ILE A 82 -32.36 -11.78 8.88
CA ILE A 82 -32.88 -12.79 7.98
C ILE A 82 -33.92 -13.66 8.68
N ARG A 83 -33.52 -14.41 9.72
CA ARG A 83 -34.36 -15.46 10.25
C ARG A 83 -35.78 -14.90 10.35
N PRO A 84 -36.02 -13.84 11.17
CA PRO A 84 -37.36 -13.25 11.29
C PRO A 84 -38.14 -13.01 9.99
N VAL A 85 -37.45 -12.73 8.87
CA VAL A 85 -38.11 -12.46 7.60
C VAL A 85 -37.82 -13.58 6.61
N GLU A 86 -37.17 -14.64 7.11
CA GLU A 86 -36.68 -15.72 6.19
C GLU A 86 -37.79 -16.05 5.21
N SER A 87 -39.01 -16.23 5.70
CA SER A 87 -40.15 -16.44 4.82
C SER A 87 -40.07 -15.46 3.66
N ALA A 88 -40.32 -14.18 3.95
CA ALA A 88 -40.50 -13.14 2.95
C ALA A 88 -39.35 -13.08 1.95
N LEU A 89 -38.18 -13.57 2.38
CA LEU A 89 -36.99 -13.45 1.51
C LEU A 89 -37.15 -14.40 0.32
N ALA A 90 -37.45 -15.68 0.56
CA ALA A 90 -37.75 -16.55 -0.55
C ALA A 90 -38.71 -15.81 -1.49
N GLY A 91 -38.37 -15.80 -2.78
CA GLY A 91 -39.16 -15.01 -3.74
C GLY A 91 -38.39 -13.77 -4.11
N ARG A 92 -37.39 -13.42 -3.29
CA ARG A 92 -36.56 -12.21 -3.57
C ARG A 92 -35.08 -12.61 -3.41
N VAL A 93 -34.18 -11.87 -4.07
CA VAL A 93 -32.73 -12.24 -4.02
C VAL A 93 -32.05 -11.43 -2.90
N LEU A 94 -31.22 -12.09 -2.10
CA LEU A 94 -30.54 -11.42 -0.97
C LEU A 94 -29.07 -11.20 -1.34
N VAL A 95 -28.64 -9.94 -1.35
CA VAL A 95 -27.21 -9.64 -1.61
C VAL A 95 -26.59 -9.24 -0.28
N ASN A 96 -25.67 -10.06 0.22
CA ASN A 96 -25.04 -9.72 1.47
C ASN A 96 -23.71 -9.09 1.16
N LEU A 97 -23.58 -7.85 1.63
CA LEU A 97 -22.37 -7.08 1.48
C LEU A 97 -21.75 -6.79 2.84
N THR A 98 -22.46 -7.19 3.91
CA THR A 98 -21.83 -7.28 5.19
C THR A 98 -20.48 -7.98 4.98
N THR A 99 -19.46 -7.51 5.71
CA THR A 99 -18.11 -8.00 5.55
C THR A 99 -18.01 -9.29 6.34
N ALA A 100 -17.34 -10.29 5.74
CA ALA A 100 -17.24 -11.60 6.35
C ALA A 100 -16.21 -12.48 5.68
N THR A 101 -15.77 -13.51 6.43
CA THR A 101 -14.70 -14.39 6.03
C THR A 101 -15.21 -15.28 4.91
N SER A 102 -14.29 -15.99 4.27
CA SER A 102 -14.66 -17.07 3.38
C SER A 102 -15.69 -17.94 4.09
N THR A 103 -15.26 -18.50 5.23
CA THR A 103 -16.00 -19.52 5.92
C THR A 103 -17.36 -18.98 6.38
N GLN A 104 -17.47 -17.66 6.51
CA GLN A 104 -18.72 -17.03 6.90
C GLN A 104 -19.64 -16.92 5.70
N ALA A 105 -19.09 -16.41 4.59
CA ALA A 105 -19.80 -16.33 3.33
C ALA A 105 -20.35 -17.70 3.00
N ARG A 106 -19.45 -18.69 3.03
CA ARG A 106 -19.83 -20.05 2.69
C ARG A 106 -21.01 -20.48 3.56
N GLU A 107 -20.90 -20.21 4.87
CA GLU A 107 -21.89 -20.71 5.82
C GLU A 107 -23.21 -20.01 5.58
N THR A 108 -23.17 -18.71 5.30
CA THR A 108 -24.42 -17.99 5.12
C THR A 108 -25.00 -18.39 3.77
N ALA A 109 -24.15 -18.58 2.76
CA ALA A 109 -24.64 -19.06 1.47
C ALA A 109 -25.54 -20.29 1.69
N GLU A 110 -25.00 -21.30 2.36
CA GLU A 110 -25.79 -22.54 2.55
C GLU A 110 -27.12 -22.20 3.22
N TRP A 111 -27.07 -21.50 4.36
CA TRP A 111 -28.30 -21.20 5.12
C TRP A 111 -29.42 -20.78 4.17
N ALA A 112 -29.13 -19.78 3.33
CA ALA A 112 -30.19 -19.25 2.44
C ALA A 112 -30.70 -20.33 1.52
N ALA A 113 -29.79 -21.01 0.84
CA ALA A 113 -30.23 -22.04 -0.14
C ALA A 113 -31.15 -23.01 0.58
N GLN A 114 -30.74 -23.46 1.76
CA GLN A 114 -31.55 -24.43 2.53
C GLN A 114 -32.92 -23.81 2.83
N ARG A 115 -32.98 -22.48 2.88
CA ARG A 115 -34.28 -21.80 3.13
C ARG A 115 -34.83 -21.32 1.78
N ASN A 116 -34.26 -21.83 0.70
CA ASN A 116 -34.76 -21.49 -0.67
C ASN A 116 -34.70 -19.97 -0.86
N ILE A 117 -33.61 -19.33 -0.44
CA ILE A 117 -33.44 -17.88 -0.70
C ILE A 117 -32.20 -17.72 -1.59
N PRO A 118 -32.35 -17.13 -2.81
CA PRO A 118 -31.19 -16.83 -3.68
C PRO A 118 -30.29 -15.84 -2.97
N TYR A 119 -29.01 -16.19 -2.84
CA TYR A 119 -28.10 -15.36 -2.07
C TYR A 119 -26.92 -14.99 -2.95
N LEU A 120 -26.42 -13.77 -2.72
CA LEU A 120 -25.17 -13.34 -3.32
C LEU A 120 -24.28 -12.69 -2.26
N ASP A 121 -23.02 -13.14 -2.24
CA ASP A 121 -22.03 -12.57 -1.29
C ASP A 121 -21.16 -11.56 -2.03
N GLY A 122 -21.55 -10.28 -2.00
CA GLY A 122 -20.77 -9.22 -2.60
C GLY A 122 -19.71 -8.60 -1.65
N ALA A 123 -18.57 -8.26 -2.27
CA ALA A 123 -17.47 -7.57 -1.61
C ALA A 123 -17.27 -6.20 -2.23
N ILE A 124 -17.47 -5.16 -1.39
CA ILE A 124 -17.30 -3.76 -1.73
C ILE A 124 -15.82 -3.39 -1.73
N TRP A 125 -15.33 -2.84 -2.85
CA TRP A 125 -14.07 -2.13 -2.82
C TRP A 125 -14.27 -0.71 -3.28
N ALA A 126 -14.81 0.09 -2.35
CA ALA A 126 -15.06 1.52 -2.49
C ALA A 126 -15.43 2.11 -1.13
N PHE A 127 -15.30 3.44 -1.05
CA PHE A 127 -15.50 4.16 0.19
C PHE A 127 -16.70 5.09 0.00
N PRO A 128 -17.52 5.27 1.05
CA PRO A 128 -18.81 5.93 0.91
C PRO A 128 -18.84 6.89 -0.27
N PRO A 129 -18.14 8.04 -0.24
CA PRO A 129 -18.00 8.86 -1.43
C PRO A 129 -17.94 8.06 -2.74
N VAL A 130 -16.92 7.22 -2.87
CA VAL A 130 -16.62 6.53 -4.13
C VAL A 130 -17.85 5.80 -4.66
N ILE A 131 -18.71 5.31 -3.77
CA ILE A 131 -19.87 4.52 -4.17
C ILE A 131 -20.64 5.28 -5.22
N GLY A 132 -21.07 4.55 -6.26
CA GLY A 132 -21.84 5.14 -7.33
C GLY A 132 -20.95 5.65 -8.46
N THR A 133 -19.63 5.76 -8.20
CA THR A 133 -18.73 6.30 -9.20
C THR A 133 -18.05 5.15 -9.93
N ASP A 134 -17.37 5.56 -11.01
CA ASP A 134 -16.66 4.66 -11.87
C ASP A 134 -15.41 4.21 -11.14
N GLY A 135 -15.18 4.83 -9.98
CA GLY A 135 -14.15 4.36 -9.05
C GLY A 135 -14.54 3.02 -8.44
N ALA A 136 -15.69 3.00 -7.78
CA ALA A 136 -16.13 1.84 -7.01
C ALA A 136 -15.98 0.56 -7.81
N VAL A 137 -15.77 -0.53 -7.09
CA VAL A 137 -15.66 -1.85 -7.69
C VAL A 137 -16.11 -2.90 -6.68
N LEU A 138 -17.01 -3.80 -7.12
CA LEU A 138 -17.49 -4.89 -6.30
C LEU A 138 -17.15 -6.23 -6.92
N LEU A 139 -16.90 -7.23 -6.04
CA LEU A 139 -16.90 -8.63 -6.45
C LEU A 139 -18.10 -9.29 -5.78
N TYR A 140 -18.99 -9.86 -6.59
CA TYR A 140 -20.06 -10.70 -6.09
C TYR A 140 -19.73 -12.15 -6.43
N SER A 141 -20.32 -13.08 -5.67
CA SER A 141 -20.21 -14.51 -5.94
C SER A 141 -21.49 -15.16 -5.46
N GLY A 142 -21.89 -16.24 -6.16
CA GLY A 142 -23.11 -16.97 -5.78
C GLY A 142 -23.91 -17.50 -6.96
N HIS A 143 -25.22 -17.25 -6.98
CA HIS A 143 -26.10 -17.83 -7.99
C HIS A 143 -26.02 -17.05 -9.31
N LYS A 144 -25.24 -17.55 -10.28
CA LYS A 144 -24.96 -16.79 -11.49
C LYS A 144 -26.28 -16.29 -12.05
N SER A 145 -27.32 -17.15 -12.05
CA SER A 145 -28.65 -16.76 -12.49
C SER A 145 -28.99 -15.40 -11.88
N ALA A 146 -29.01 -15.36 -10.54
CA ALA A 146 -29.40 -14.16 -9.83
C ALA A 146 -28.47 -13.00 -10.20
N PHE A 147 -27.19 -13.29 -10.38
CA PHE A 147 -26.26 -12.22 -10.65
C PHE A 147 -26.68 -11.54 -11.96
N GLU A 148 -26.76 -12.37 -13.00
CA GLU A 148 -27.15 -11.91 -14.32
C GLU A 148 -28.45 -11.10 -14.18
N ALA A 149 -29.37 -11.61 -13.36
CA ALA A 149 -30.73 -11.10 -13.26
C ALA A 149 -30.81 -9.64 -12.81
N HIS A 150 -29.91 -9.19 -11.94
CA HIS A 150 -30.03 -7.84 -11.40
C HIS A 150 -28.79 -7.00 -11.66
N GLU A 151 -27.81 -7.56 -12.39
CA GLU A 151 -26.59 -6.86 -12.74
C GLU A 151 -26.86 -5.35 -12.88
N SER A 152 -27.91 -5.00 -13.64
CA SER A 152 -28.33 -3.63 -13.87
C SER A 152 -28.37 -2.82 -12.59
N THR A 153 -29.26 -3.21 -11.69
CA THR A 153 -29.46 -2.44 -10.47
C THR A 153 -28.15 -2.44 -9.66
N LEU A 154 -27.46 -3.57 -9.65
CA LEU A 154 -26.21 -3.70 -8.92
C LEU A 154 -25.18 -2.73 -9.47
N LYS A 155 -25.21 -2.51 -10.79
CA LYS A 155 -24.23 -1.68 -11.45
C LYS A 155 -24.28 -0.29 -10.84
N ALA A 156 -25.46 0.06 -10.28
CA ALA A 156 -25.71 1.41 -9.78
C ALA A 156 -24.58 1.86 -8.85
N ILE A 157 -24.09 0.94 -8.03
CA ILE A 157 -23.16 1.27 -6.97
C ILE A 157 -21.71 1.23 -7.49
N ALA A 158 -21.42 0.26 -8.37
CA ALA A 158 -20.10 0.13 -8.96
C ALA A 158 -20.30 0.09 -10.46
N PRO A 159 -20.66 1.25 -11.07
CA PRO A 159 -21.07 1.27 -12.47
C PRO A 159 -19.90 0.91 -13.38
N ALA A 160 -18.68 1.16 -12.89
CA ALA A 160 -17.51 0.74 -13.62
C ALA A 160 -17.31 -0.78 -13.50
N ALA A 161 -17.43 -1.32 -12.28
CA ALA A 161 -17.10 -2.72 -12.07
C ALA A 161 -17.96 -3.34 -10.97
N THR A 162 -19.26 -3.45 -11.27
CA THR A 162 -20.10 -4.48 -10.70
C THR A 162 -19.77 -5.77 -11.44
N THR A 163 -19.27 -6.80 -10.71
CA THR A 163 -18.52 -7.93 -11.27
C THR A 163 -18.79 -9.23 -10.50
N TYR A 164 -18.75 -10.37 -11.20
CA TYR A 164 -19.13 -11.64 -10.52
C TYR A 164 -18.13 -12.78 -10.72
N LEU A 165 -17.78 -13.47 -9.63
CA LEU A 165 -16.94 -14.67 -9.65
C LEU A 165 -17.86 -15.89 -9.49
N GLU A 166 -17.35 -17.08 -9.87
CA GLU A 166 -18.10 -18.33 -9.85
C GLU A 166 -18.98 -18.47 -8.60
N GLU A 167 -19.59 -19.65 -8.44
CA GLU A 167 -20.67 -19.81 -7.48
C GLU A 167 -20.11 -19.92 -6.07
N ASP A 168 -18.83 -20.23 -5.89
CA ASP A 168 -18.31 -20.40 -4.53
C ASP A 168 -18.10 -19.05 -3.87
N HIS A 169 -18.75 -18.87 -2.71
CA HIS A 169 -18.84 -17.58 -2.06
C HIS A 169 -17.50 -17.27 -1.40
N GLY A 170 -17.03 -18.23 -0.61
CA GLY A 170 -15.70 -18.18 -0.03
C GLY A 170 -14.82 -17.13 -0.71
N LEU A 171 -14.61 -17.29 -2.02
CA LEU A 171 -13.59 -16.51 -2.69
C LEU A 171 -13.89 -15.02 -2.65
N SER A 172 -15.07 -14.62 -3.10
CA SER A 172 -15.40 -13.20 -3.07
C SER A 172 -14.91 -12.63 -1.74
N SER A 173 -15.36 -13.25 -0.64
CA SER A 173 -14.98 -12.82 0.69
C SER A 173 -13.48 -12.99 0.91
N LEU A 174 -12.93 -14.11 0.47
CA LEU A 174 -11.53 -14.37 0.71
C LEU A 174 -10.71 -13.20 0.20
N TYR A 175 -10.78 -13.00 -1.11
CA TYR A 175 -10.22 -11.82 -1.75
C TYR A 175 -10.44 -10.59 -0.88
N ASP A 176 -11.69 -10.34 -0.49
CA ASP A 176 -12.01 -9.18 0.31
C ASP A 176 -10.98 -9.04 1.42
N MET A 177 -10.78 -10.12 2.20
CA MET A 177 -9.77 -10.14 3.25
C MET A 177 -8.41 -9.69 2.67
N ALA A 178 -7.92 -10.45 1.69
CA ALA A 178 -6.61 -10.21 1.09
C ALA A 178 -6.33 -8.71 0.88
N VAL A 179 -7.29 -8.03 0.26
CA VAL A 179 -7.15 -6.63 -0.10
C VAL A 179 -7.10 -5.76 1.14
N LEU A 180 -8.15 -5.83 1.96
CA LEU A 180 -7.98 -5.38 3.32
C LEU A 180 -6.53 -5.73 3.67
N GLY A 181 -5.96 -5.04 4.64
CA GLY A 181 -4.69 -5.53 5.10
C GLY A 181 -3.62 -5.02 4.15
N ILE A 182 -3.64 -5.48 2.90
CA ILE A 182 -3.06 -4.59 1.90
C ILE A 182 -3.56 -3.19 2.24
N MET A 183 -4.87 -3.03 2.30
CA MET A 183 -5.42 -1.72 2.51
C MET A 183 -4.82 -1.10 3.77
N TRP A 184 -4.81 -1.85 4.87
CA TRP A 184 -4.30 -1.29 6.10
C TRP A 184 -2.81 -1.03 5.94
N GLY A 185 -2.09 -2.04 5.45
CA GLY A 185 -0.67 -1.96 5.17
C GLY A 185 -0.26 -0.58 4.67
N ILE A 186 -1.13 0.02 3.86
CA ILE A 186 -0.94 1.36 3.36
C ILE A 186 -1.22 2.40 4.43
N LEU A 187 -2.51 2.57 4.76
CA LEU A 187 -2.93 3.56 5.73
C LEU A 187 -1.87 3.74 6.80
N ASN A 188 -1.30 2.62 7.23
CA ASN A 188 -0.29 2.62 8.26
C ASN A 188 0.96 3.33 7.76
N GLY A 189 1.65 2.68 6.81
CA GLY A 189 2.87 3.23 6.23
C GLY A 189 2.73 4.73 5.99
N PHE A 190 1.58 5.10 5.43
CA PHE A 190 1.29 6.48 5.11
C PHE A 190 1.19 7.29 6.40
N LEU A 191 0.22 6.93 7.24
CA LEU A 191 0.01 7.70 8.45
C LEU A 191 1.32 7.77 9.23
N HIS A 192 2.10 6.69 9.24
CA HIS A 192 3.39 6.71 9.89
C HIS A 192 4.32 7.70 9.18
N GLY A 193 4.64 7.39 7.91
CA GLY A 193 5.39 8.30 7.07
C GLY A 193 5.00 9.75 7.32
N ALA A 194 3.69 9.98 7.46
CA ALA A 194 3.20 11.34 7.61
C ALA A 194 3.59 11.89 8.97
N ALA A 195 3.47 11.05 10.00
CA ALA A 195 3.89 11.42 11.35
C ALA A 195 5.34 11.87 11.30
N LEU A 196 6.14 11.09 10.55
CA LEU A 196 7.54 11.37 10.30
C LEU A 196 7.73 12.81 9.83
N LEU A 197 7.14 13.15 8.69
CA LEU A 197 7.30 14.48 8.11
C LEU A 197 6.48 15.48 8.93
N GLY A 198 5.52 14.96 9.70
CA GLY A 198 4.93 15.75 10.77
C GLY A 198 6.04 16.47 11.53
N THR A 199 7.00 15.69 12.03
CA THR A 199 8.06 16.23 12.89
C THR A 199 8.72 17.42 12.19
N ALA A 200 8.80 17.35 10.86
CA ALA A 200 9.44 18.39 10.07
C ALA A 200 8.46 19.49 9.67
N LYS A 201 7.36 19.65 10.42
CA LYS A 201 6.35 20.64 10.11
C LYS A 201 6.01 20.57 8.62
N VAL A 202 5.55 19.39 8.15
CA VAL A 202 5.23 19.13 6.75
C VAL A 202 3.77 18.71 6.63
N LYS A 203 2.94 19.54 5.99
CA LYS A 203 1.54 19.20 5.80
C LYS A 203 1.45 17.88 5.04
N ALA A 204 0.63 16.96 5.54
CA ALA A 204 0.30 15.74 4.83
C ALA A 204 -0.16 16.10 3.42
N GLU A 205 -1.05 17.10 3.35
CA GLU A 205 -1.49 17.67 2.09
C GLU A 205 -0.32 17.71 1.12
N THR A 206 0.81 18.23 1.61
CA THR A 206 2.06 18.28 0.86
C THR A 206 2.54 16.87 0.57
N PHE A 207 2.77 16.12 1.66
CA PHE A 207 3.39 14.82 1.60
C PHE A 207 2.67 13.91 0.63
N ALA A 208 1.39 13.66 0.91
CA ALA A 208 0.65 12.62 0.24
C ALA A 208 0.98 12.59 -1.26
N PRO A 209 0.66 13.65 -2.04
CA PRO A 209 0.92 13.63 -3.47
C PRO A 209 2.10 12.76 -3.86
N LEU A 210 3.27 13.10 -3.32
CA LEU A 210 4.52 12.44 -3.67
C LEU A 210 4.47 10.97 -3.26
N ALA A 211 3.96 10.74 -2.04
CA ALA A 211 3.63 9.39 -1.65
C ALA A 211 2.93 8.72 -2.80
N ASN A 212 1.75 9.25 -3.16
CA ASN A 212 0.86 8.61 -4.10
C ASN A 212 1.59 8.38 -5.41
N THR A 213 2.46 9.35 -5.75
CA THR A 213 3.36 9.21 -6.87
C THR A 213 4.14 7.91 -6.75
N MET A 214 4.90 7.78 -5.66
CA MET A 214 5.70 6.58 -5.42
C MET A 214 4.81 5.37 -5.15
N ILE A 215 3.63 5.64 -4.57
CA ILE A 215 2.64 4.60 -4.28
C ILE A 215 2.20 3.93 -5.57
N SER A 216 1.94 4.74 -6.60
CA SER A 216 1.67 4.20 -7.93
C SER A 216 2.88 3.45 -8.47
N ALA A 217 4.10 3.90 -8.12
CA ALA A 217 5.33 3.36 -8.67
C ALA A 217 5.55 1.87 -8.38
N ILE A 218 4.96 1.36 -7.30
CA ILE A 218 5.36 0.09 -6.72
C ILE A 218 4.57 -1.06 -7.35
N THR A 219 3.24 -0.87 -7.44
CA THR A 219 2.34 -1.80 -8.10
C THR A 219 3.06 -2.48 -9.28
N GLU A 220 3.93 -1.74 -9.96
CA GLU A 220 4.83 -2.31 -10.93
C GLU A 220 5.47 -3.58 -10.36
N TYR A 221 6.41 -3.38 -9.43
CA TYR A 221 7.33 -4.44 -9.04
C TYR A 221 6.54 -5.65 -8.53
N VAL A 222 5.48 -5.35 -7.77
CA VAL A 222 4.58 -6.37 -7.24
C VAL A 222 4.26 -7.42 -8.29
N THR A 223 3.76 -6.96 -9.44
CA THR A 223 3.38 -7.85 -10.54
C THR A 223 4.53 -8.80 -10.87
N ALA A 224 5.76 -8.30 -10.76
CA ALA A 224 6.96 -9.08 -11.04
C ALA A 224 7.19 -10.12 -9.97
N TYR A 225 6.82 -9.79 -8.72
CA TYR A 225 7.09 -10.67 -7.60
C TYR A 225 6.19 -11.90 -7.69
N ALA A 226 4.88 -11.67 -7.95
CA ALA A 226 3.91 -12.75 -8.06
C ALA A 226 4.53 -13.96 -8.75
N PRO A 227 4.99 -13.82 -10.02
CA PRO A 227 5.84 -14.81 -10.65
C PRO A 227 6.79 -15.57 -9.74
N GLN A 228 7.59 -14.85 -8.94
CA GLN A 228 8.58 -15.49 -8.09
C GLN A 228 7.90 -16.47 -7.13
N VAL A 229 6.74 -16.06 -6.59
CA VAL A 229 5.97 -16.88 -5.66
C VAL A 229 5.36 -18.04 -6.42
N ASP A 230 4.54 -17.73 -7.42
CA ASP A 230 4.06 -18.72 -8.38
C ASP A 230 5.21 -19.69 -8.67
N GLU A 231 6.37 -19.14 -9.03
CA GLU A 231 7.56 -19.93 -9.31
C GLU A 231 8.14 -20.47 -8.00
N GLY A 232 9.44 -20.25 -7.75
CA GLY A 232 10.12 -20.89 -6.63
C GLY A 232 11.33 -20.10 -6.16
N ARG A 233 12.51 -20.38 -6.75
CA ARG A 233 13.74 -19.73 -6.32
C ARG A 233 13.52 -18.23 -6.28
N TYR A 234 14.10 -17.61 -5.26
CA TYR A 234 13.92 -16.19 -5.08
C TYR A 234 15.23 -15.48 -5.37
N GLU A 235 16.01 -16.02 -6.31
CA GLU A 235 17.03 -15.23 -6.98
C GLU A 235 16.47 -13.81 -7.09
N ALA A 236 17.19 -12.84 -6.52
CA ALA A 236 16.70 -11.49 -6.35
C ALA A 236 16.89 -10.67 -7.63
N THR A 237 15.95 -9.75 -7.89
CA THR A 237 16.11 -8.75 -8.93
C THR A 237 16.17 -7.37 -8.28
N ASP A 238 15.14 -7.05 -7.49
CA ASP A 238 15.11 -5.89 -6.63
C ASP A 238 16.40 -5.79 -5.80
N ALA A 239 16.50 -6.70 -4.82
CA ALA A 239 17.35 -6.52 -3.66
C ALA A 239 17.20 -7.71 -2.71
N THR A 240 18.25 -7.98 -1.92
CA THR A 240 18.23 -9.08 -0.97
C THR A 240 17.34 -8.71 0.20
N MET A 241 16.91 -9.74 0.92
CA MET A 241 16.26 -9.50 2.20
C MET A 241 17.19 -8.61 3.01
N THR A 242 18.46 -9.00 3.00
CA THR A 242 19.41 -8.50 3.98
C THR A 242 19.47 -6.98 3.85
N VAL A 243 19.35 -6.49 2.61
CA VAL A 243 19.25 -5.06 2.38
C VAL A 243 18.00 -4.58 3.11
N HIS A 244 16.84 -4.98 2.59
CA HIS A 244 15.57 -4.55 3.16
C HIS A 244 15.71 -4.55 4.68
N GLN A 245 16.22 -5.69 5.19
CA GLN A 245 16.36 -5.90 6.61
C GLN A 245 17.02 -4.68 7.25
N ALA A 246 18.24 -4.39 6.81
CA ALA A 246 18.98 -3.28 7.36
C ALA A 246 18.14 -2.00 7.31
N ALA A 247 17.53 -1.77 6.15
CA ALA A 247 16.82 -0.54 5.91
C ALA A 247 15.74 -0.32 6.98
N MET A 248 15.05 -1.41 7.32
CA MET A 248 14.00 -1.36 8.34
C MET A 248 14.59 -0.78 9.63
N GLU A 249 15.78 -1.27 10.01
CA GLU A 249 16.47 -0.71 11.16
C GLU A 249 16.46 0.80 10.98
N LEU A 250 17.16 1.28 9.93
CA LEU A 250 17.26 2.71 9.68
C LEU A 250 15.92 3.39 9.94
N LEU A 251 14.86 2.89 9.28
CA LEU A 251 13.53 3.46 9.43
C LEU A 251 13.16 3.51 10.91
N ALA A 252 13.23 2.33 11.54
CA ALA A 252 13.01 2.24 12.97
C ALA A 252 13.91 3.27 13.66
N GLU A 253 15.21 3.14 13.41
CA GLU A 253 16.19 4.04 13.96
C GLU A 253 15.70 5.47 13.71
N GLU A 254 15.30 5.78 12.47
CA GLU A 254 14.80 7.13 12.20
C GLU A 254 13.69 7.45 13.21
N SER A 255 12.59 6.70 13.11
CA SER A 255 11.39 7.01 13.87
C SER A 255 11.75 7.27 15.34
N GLU A 256 12.49 6.34 15.92
CA GLU A 256 12.89 6.40 17.32
C GLU A 256 13.55 7.76 17.56
N HIS A 257 14.64 8.02 16.80
CA HIS A 257 15.36 9.27 16.90
C HIS A 257 14.37 10.44 16.94
N LEU A 258 13.35 10.38 16.08
CA LEU A 258 12.43 11.50 15.88
C LEU A 258 11.49 11.68 17.07
N GLY A 259 11.29 10.60 17.85
CA GLY A 259 10.46 10.66 19.05
C GLY A 259 8.99 10.38 18.73
N ILE A 260 8.78 9.32 17.94
CA ILE A 260 7.44 8.90 17.57
C ILE A 260 7.39 7.37 17.58
N HIS A 261 6.18 6.83 17.71
CA HIS A 261 5.96 5.40 17.74
C HIS A 261 6.91 4.74 16.74
N SER A 262 7.62 3.72 17.23
CA SER A 262 8.55 2.97 16.41
C SER A 262 8.16 1.50 16.32
N GLU A 263 7.06 1.12 17.00
CA GLU A 263 6.62 -0.26 17.11
C GLU A 263 6.48 -0.87 15.70
N LEU A 264 5.92 -0.12 14.76
CA LEU A 264 5.58 -0.68 13.46
C LEU A 264 6.85 -1.26 12.83
N PRO A 265 7.81 -0.40 12.39
CA PRO A 265 8.98 -0.86 11.66
C PRO A 265 9.75 -1.94 12.40
N ARG A 266 9.94 -1.69 13.70
CA ARG A 266 10.64 -2.64 14.54
C ARG A 266 10.00 -4.01 14.26
N PHE A 267 8.66 -4.06 14.31
CA PHE A 267 7.96 -5.33 13.97
C PHE A 267 8.44 -5.74 12.58
N PHE A 268 8.22 -4.89 11.57
CA PHE A 268 8.64 -5.20 10.17
C PHE A 268 9.99 -5.91 10.19
N LYS A 269 10.95 -5.38 10.95
CA LYS A 269 12.29 -6.02 11.06
C LYS A 269 12.13 -7.46 11.57
N THR A 270 11.50 -7.66 12.73
CA THR A 270 11.40 -9.02 13.32
C THR A 270 11.12 -10.03 12.22
N LEU A 271 10.30 -9.67 11.22
CA LEU A 271 9.94 -10.65 10.22
C LEU A 271 11.13 -10.86 9.31
N ALA A 272 11.59 -9.75 8.71
CA ALA A 272 12.84 -9.80 7.97
C ALA A 272 13.78 -10.73 8.71
N ASP A 273 14.04 -10.39 9.97
CA ASP A 273 14.92 -11.15 10.83
C ASP A 273 14.55 -12.62 10.75
N ARG A 274 13.28 -12.96 10.97
CA ARG A 274 12.84 -14.35 10.89
C ARG A 274 13.25 -14.90 9.52
N ALA A 275 12.75 -14.28 8.46
CA ALA A 275 12.94 -14.78 7.11
C ALA A 275 14.42 -15.06 6.88
N VAL A 276 15.25 -14.09 7.27
CA VAL A 276 16.69 -14.20 7.18
C VAL A 276 17.12 -15.43 7.95
N ALA A 277 16.77 -15.44 9.24
CA ALA A 277 17.05 -16.57 10.11
C ALA A 277 16.64 -17.87 9.42
N ASP A 278 15.54 -17.81 8.67
CA ASP A 278 14.97 -19.00 8.08
C ASP A 278 15.81 -19.45 6.90
N GLY A 279 16.72 -18.58 6.45
CA GLY A 279 17.58 -18.88 5.31
C GLY A 279 17.66 -17.68 4.36
N HIS A 280 16.60 -17.49 3.59
CA HIS A 280 16.65 -16.67 2.37
C HIS A 280 16.95 -15.21 2.71
N ALA A 281 18.24 -14.94 2.98
CA ALA A 281 18.71 -13.57 3.18
C ALA A 281 19.06 -12.95 1.83
N GLU A 282 19.61 -13.80 0.95
CA GLU A 282 20.01 -13.39 -0.38
C GLU A 282 18.82 -13.21 -1.30
N ASN A 283 17.69 -13.81 -0.93
CA ASN A 283 16.60 -13.88 -1.87
C ASN A 283 15.84 -12.56 -1.84
N SER A 284 15.11 -12.30 -2.93
CA SER A 284 14.22 -11.16 -3.02
C SER A 284 13.25 -11.19 -1.83
N TYR A 285 12.60 -10.05 -1.61
CA TYR A 285 11.57 -9.94 -0.61
C TYR A 285 10.46 -10.97 -0.84
N ALA A 286 10.37 -11.45 -2.08
CA ALA A 286 9.57 -12.63 -2.41
C ALA A 286 9.54 -13.60 -1.23
N ALA A 287 10.73 -14.06 -0.83
CA ALA A 287 10.84 -15.16 0.11
C ALA A 287 9.91 -14.97 1.31
N MET A 288 9.76 -13.72 1.75
CA MET A 288 8.85 -13.41 2.84
C MET A 288 7.59 -14.29 2.80
N ILE A 289 7.05 -14.54 1.60
CA ILE A 289 5.88 -15.39 1.49
C ILE A 289 6.03 -16.64 2.35
N GLU A 290 7.14 -17.37 2.20
CA GLU A 290 7.27 -18.66 2.86
C GLU A 290 6.92 -18.51 4.33
N LEU A 291 7.24 -17.33 4.89
CA LEU A 291 6.98 -17.03 6.29
C LEU A 291 5.48 -16.88 6.56
N PHE A 292 4.71 -16.43 5.54
CA PHE A 292 3.28 -16.21 5.71
C PHE A 292 2.51 -17.52 5.59
N ARG A 293 2.93 -18.39 4.66
CA ARG A 293 2.43 -19.75 4.55
C ARG A 293 2.52 -20.44 5.92
N LYS A 294 3.45 -19.97 6.77
CA LYS A 294 3.74 -20.58 8.06
C LYS A 294 2.91 -19.94 9.17
N PRO A 295 2.02 -20.74 9.79
CA PRO A 295 1.04 -20.23 10.76
C PRO A 295 1.66 -19.72 12.05
N THR A 296 0.86 -18.92 12.79
CA THR A 296 1.32 -18.20 13.97
C THR A 296 0.33 -18.43 15.12
N ALA A 297 0.22 -19.70 15.56
CA ALA A 297 -0.33 -20.08 16.87
C ALA A 297 -0.25 -21.60 17.04
N PRO B 9 28.00 14.97 -21.05
CA PRO B 9 29.30 14.98 -20.32
C PRO B 9 29.59 13.62 -19.69
N PRO B 10 30.82 13.41 -19.17
CA PRO B 10 31.14 12.20 -18.44
C PRO B 10 30.42 12.11 -17.09
N VAL B 11 30.65 10.98 -16.43
CA VAL B 11 29.94 10.62 -15.21
C VAL B 11 30.65 9.42 -14.58
N THR B 12 30.65 9.39 -13.30
CA THR B 12 31.32 8.31 -12.61
C THR B 12 30.43 7.79 -11.51
N VAL B 13 30.26 6.56 -11.30
CA VAL B 13 29.35 6.00 -10.31
C VAL B 13 30.11 4.98 -9.45
N VAL B 14 29.68 4.86 -8.18
CA VAL B 14 30.39 4.03 -7.21
C VAL B 14 29.45 3.01 -6.59
N GLY B 15 29.82 1.73 -6.69
CA GLY B 15 29.06 0.63 -6.12
C GLY B 15 28.27 -0.12 -7.20
N LEU B 16 28.51 -1.43 -7.32
CA LEU B 16 27.82 -2.22 -8.32
C LEU B 16 26.81 -3.16 -7.65
N GLY B 17 26.21 -2.58 -6.52
CA GLY B 17 25.10 -3.36 -5.95
C GLY B 17 24.05 -3.67 -7.01
N LEU B 18 22.98 -4.35 -6.57
CA LEU B 18 21.82 -4.48 -7.42
C LEU B 18 21.53 -3.10 -8.00
N MET B 19 21.52 -2.10 -7.11
CA MET B 19 21.29 -0.72 -7.48
C MET B 19 22.42 -0.19 -8.33
N GLY B 20 23.65 -0.32 -7.82
CA GLY B 20 24.84 0.13 -8.51
C GLY B 20 24.76 -0.12 -10.03
N GLN B 21 24.62 -1.39 -10.41
CA GLN B 21 24.72 -1.77 -11.81
C GLN B 21 23.63 -1.09 -12.63
N ALA B 22 22.41 -1.03 -12.05
CA ALA B 22 21.23 -0.59 -12.78
C ALA B 22 21.42 0.79 -13.39
N LEU B 23 22.03 1.66 -12.60
CA LEU B 23 22.20 3.06 -12.93
C LEU B 23 23.08 3.21 -14.16
N ALA B 24 24.24 2.53 -14.15
CA ALA B 24 25.20 2.58 -15.24
C ALA B 24 24.49 2.82 -16.57
N ALA B 25 23.60 1.89 -16.93
CA ALA B 25 22.83 1.99 -18.17
C ALA B 25 22.26 3.39 -18.30
N ALA B 26 21.38 3.78 -17.36
CA ALA B 26 20.77 5.09 -17.42
C ALA B 26 21.77 6.10 -17.97
N PHE B 27 22.96 6.14 -17.35
CA PHE B 27 24.04 7.00 -17.81
C PHE B 27 24.42 6.58 -19.23
N LEU B 28 24.94 5.36 -19.36
CA LEU B 28 25.40 4.83 -20.63
C LEU B 28 24.32 5.03 -21.67
N LYS B 29 23.13 4.48 -21.38
CA LYS B 29 21.96 4.67 -22.21
C LYS B 29 21.34 6.02 -21.90
N GLY B 30 22.18 7.04 -21.80
CA GLY B 30 21.75 8.44 -21.78
C GLY B 30 22.89 9.37 -22.16
N GLY B 31 23.76 8.89 -23.06
CA GLY B 31 24.92 9.65 -23.51
C GLY B 31 26.09 9.54 -22.53
N HIS B 32 25.87 10.00 -21.30
CA HIS B 32 26.92 10.07 -20.29
C HIS B 32 27.87 8.89 -20.39
N PRO B 33 29.10 9.08 -20.90
CA PRO B 33 30.13 8.06 -20.80
C PRO B 33 30.60 7.82 -19.37
N THR B 34 30.64 6.55 -18.97
CA THR B 34 30.69 6.19 -17.56
C THR B 34 31.97 5.43 -17.25
N THR B 35 32.77 6.02 -16.35
CA THR B 35 34.00 5.36 -15.87
C THR B 35 33.76 5.04 -14.41
N VAL B 36 33.38 3.79 -14.11
CA VAL B 36 32.98 3.47 -12.70
C VAL B 36 33.90 2.43 -12.04
N TRP B 37 33.66 2.13 -10.77
CA TRP B 37 34.45 1.10 -10.04
C TRP B 37 33.51 0.39 -9.05
N ASN B 38 34.01 -0.57 -8.27
CA ASN B 38 33.11 -1.35 -7.38
C ASN B 38 33.85 -1.93 -6.17
N ARG B 39 33.18 -2.01 -5.02
CA ARG B 39 33.75 -2.62 -3.83
C ARG B 39 34.26 -4.02 -4.18
N SER B 40 33.37 -4.85 -4.74
CA SER B 40 33.70 -6.22 -5.08
C SER B 40 34.03 -6.28 -6.57
N PRO B 41 34.96 -5.44 -7.05
CA PRO B 41 35.30 -5.41 -8.48
C PRO B 41 35.73 -6.77 -9.02
N GLU B 42 35.23 -7.12 -10.21
CA GLU B 42 35.20 -8.47 -10.74
C GLU B 42 33.74 -8.85 -11.01
N LYS B 43 33.09 -8.11 -11.91
CA LYS B 43 31.65 -8.23 -12.17
C LYS B 43 31.30 -7.72 -13.57
N ALA B 44 31.50 -6.42 -13.80
CA ALA B 44 31.06 -5.71 -15.00
C ALA B 44 30.68 -6.62 -16.16
N GLU B 45 31.68 -7.31 -16.74
CA GLU B 45 31.56 -8.02 -18.01
C GLU B 45 30.44 -7.43 -18.88
N ARG B 46 29.19 -7.86 -18.63
CA ARG B 46 28.05 -7.44 -19.44
C ARG B 46 28.07 -5.92 -19.61
N LEU B 47 28.25 -5.19 -18.51
CA LEU B 47 28.41 -3.74 -18.58
C LEU B 47 29.59 -3.40 -19.48
N VAL B 48 30.79 -3.93 -19.18
CA VAL B 48 31.97 -3.67 -19.99
C VAL B 48 31.77 -4.11 -21.44
N ALA B 49 31.08 -5.24 -21.62
CA ALA B 49 30.72 -5.72 -22.94
C ALA B 49 29.78 -4.71 -23.59
N ASP B 50 28.78 -4.26 -22.81
CA ASP B 50 27.88 -3.18 -23.21
C ASP B 50 28.62 -1.84 -23.25
N GLY B 51 29.92 -1.84 -22.92
CA GLY B 51 30.84 -0.79 -23.36
C GLY B 51 31.13 0.25 -22.28
N ALA B 52 31.61 -0.20 -21.12
CA ALA B 52 31.86 0.66 -19.97
C ALA B 52 33.31 1.13 -19.98
N VAL B 53 33.69 1.89 -18.95
CA VAL B 53 35.12 2.29 -18.76
C VAL B 53 35.45 1.92 -17.31
N LEU B 54 36.27 0.90 -17.09
CA LEU B 54 36.51 0.45 -15.69
C LEU B 54 37.77 1.12 -15.12
N ALA B 55 37.62 1.93 -14.06
CA ALA B 55 38.80 2.51 -13.43
C ALA B 55 39.41 1.54 -12.41
N ASP B 56 40.52 1.79 -11.99
CA ASP B 56 41.49 1.03 -11.16
C ASP B 56 41.11 1.20 -9.68
N THR B 57 41.37 2.40 -9.14
CA THR B 57 41.08 2.66 -7.74
C THR B 57 40.08 3.82 -7.66
N LEU B 58 39.80 4.27 -6.44
CA LEU B 58 38.78 5.26 -6.19
C LEU B 58 39.15 6.59 -6.85
N GLU B 59 40.31 7.15 -6.46
CA GLU B 59 40.76 8.43 -6.98
C GLU B 59 40.67 8.38 -8.51
N SER B 60 41.28 7.36 -9.13
CA SER B 60 41.18 7.14 -10.56
C SER B 60 39.73 7.36 -11.00
N ALA B 61 38.80 6.66 -10.35
CA ALA B 61 37.39 6.76 -10.70
C ALA B 61 36.90 8.19 -10.52
N VAL B 62 37.32 8.87 -9.44
CA VAL B 62 36.82 10.20 -9.15
C VAL B 62 37.27 11.13 -10.27
N THR B 63 38.59 11.30 -10.34
CA THR B 63 39.30 11.91 -11.45
C THR B 63 38.48 11.87 -12.73
N ALA B 64 38.05 10.66 -13.10
CA ALA B 64 37.46 10.42 -14.39
C ALA B 64 35.97 10.79 -14.42
N SER B 65 35.65 12.07 -14.14
CA SER B 65 34.33 12.62 -14.45
C SER B 65 34.05 13.87 -13.61
N PRO B 66 33.23 14.84 -14.10
CA PRO B 66 32.85 16.03 -13.27
C PRO B 66 31.76 15.67 -12.26
N LEU B 67 30.97 14.64 -12.56
CA LEU B 67 29.87 14.23 -11.65
C LEU B 67 30.15 12.83 -11.11
N VAL B 68 29.95 12.62 -9.81
CA VAL B 68 30.24 11.32 -9.23
C VAL B 68 29.05 10.87 -8.38
N ILE B 69 28.61 9.70 -8.56
CA ILE B 69 27.35 9.08 -8.06
C ILE B 69 27.69 7.85 -7.21
N VAL B 70 27.30 7.88 -5.93
CA VAL B 70 27.68 6.80 -5.03
C VAL B 70 26.41 6.19 -4.46
N CYS B 71 26.27 4.88 -4.70
CA CYS B 71 25.16 4.08 -4.23
C CYS B 71 25.72 2.77 -3.71
N VAL B 72 25.78 2.65 -2.38
CA VAL B 72 26.33 1.48 -1.73
C VAL B 72 25.45 1.15 -0.53
N SER B 73 25.78 0.03 0.12
CA SER B 73 25.06 -0.46 1.28
C SER B 73 24.55 0.67 2.16
N ASP B 74 25.46 1.38 2.84
CA ASP B 74 25.04 2.25 3.92
C ASP B 74 26.04 3.36 4.18
N TYR B 75 25.55 4.46 4.79
CA TYR B 75 26.38 5.62 5.07
C TYR B 75 27.64 5.18 5.82
N ASP B 76 27.57 4.11 6.63
CA ASP B 76 28.77 3.55 7.25
C ASP B 76 29.83 3.29 6.19
N ALA B 77 29.46 2.60 5.11
CA ALA B 77 30.38 2.34 4.03
C ALA B 77 30.84 3.68 3.46
N VAL B 78 29.87 4.40 2.88
CA VAL B 78 30.11 5.72 2.31
C VAL B 78 31.25 6.40 3.07
N HIS B 79 31.01 6.71 4.35
CA HIS B 79 31.94 7.53 5.11
C HIS B 79 33.37 6.99 4.97
N GLU B 80 33.55 5.67 5.10
CA GLU B 80 34.88 5.08 5.15
C GLU B 80 35.44 4.88 3.74
N LEU B 81 34.77 5.45 2.73
CA LEU B 81 35.35 5.59 1.40
C LEU B 81 35.89 7.01 1.21
N ILE B 82 35.03 8.02 1.34
CA ILE B 82 35.36 9.42 1.09
C ILE B 82 36.85 9.68 1.29
N ARG B 83 37.31 9.55 2.54
CA ARG B 83 38.65 9.97 2.92
C ARG B 83 39.62 9.62 1.79
N PRO B 84 39.79 8.32 1.46
CA PRO B 84 40.72 7.88 0.40
C PRO B 84 40.67 8.67 -0.91
N VAL B 85 39.48 9.15 -1.31
CA VAL B 85 39.34 9.85 -2.57
C VAL B 85 39.04 11.33 -2.32
N GLU B 86 39.15 11.77 -1.06
CA GLU B 86 38.57 13.05 -0.68
C GLU B 86 39.24 14.15 -1.51
N SER B 87 40.53 13.96 -1.78
CA SER B 87 41.24 14.81 -2.72
C SER B 87 40.44 14.90 -4.01
N ALA B 88 40.41 13.79 -4.75
CA ALA B 88 39.88 13.77 -6.11
C ALA B 88 38.47 14.32 -6.21
N LEU B 89 37.75 14.32 -5.08
CA LEU B 89 36.34 14.67 -5.06
C LEU B 89 36.15 16.17 -5.20
N ALA B 90 36.95 16.95 -4.45
CA ALA B 90 36.99 18.38 -4.69
C ALA B 90 37.26 18.61 -6.18
N GLY B 91 36.49 19.51 -6.78
CA GLY B 91 36.53 19.75 -8.21
C GLY B 91 35.35 19.04 -8.89
N ARG B 92 35.26 17.73 -8.64
CA ARG B 92 34.08 16.95 -9.00
C ARG B 92 32.94 17.31 -8.04
N VAL B 93 31.79 16.65 -8.22
CA VAL B 93 30.59 16.87 -7.41
C VAL B 93 29.89 15.53 -7.16
N LEU B 94 29.75 15.14 -5.89
CA LEU B 94 29.17 13.81 -5.56
C LEU B 94 27.70 13.96 -5.11
N VAL B 95 26.83 13.05 -5.56
CA VAL B 95 25.41 13.05 -5.10
C VAL B 95 25.18 11.75 -4.33
N ASN B 96 24.99 11.83 -3.01
CA ASN B 96 24.90 10.57 -2.21
C ASN B 96 23.51 9.97 -2.43
N LEU B 97 23.52 8.72 -2.93
CA LEU B 97 22.30 7.95 -3.09
C LEU B 97 22.40 6.68 -2.25
N THR B 98 23.55 6.47 -1.60
CA THR B 98 23.60 5.45 -0.57
C THR B 98 22.40 5.69 0.33
N THR B 99 21.81 4.60 0.81
CA THR B 99 20.57 4.63 1.56
C THR B 99 20.92 5.08 2.98
N ALA B 100 20.25 6.13 3.47
CA ALA B 100 20.66 6.78 4.71
C ALA B 100 19.59 7.73 5.24
N THR B 101 19.62 7.88 6.57
CA THR B 101 18.62 8.62 7.32
C THR B 101 18.75 10.09 7.00
N SER B 102 17.76 10.87 7.43
CA SER B 102 17.90 12.31 7.46
C SER B 102 19.22 12.66 8.13
N THR B 103 19.36 12.22 9.39
CA THR B 103 20.48 12.61 10.23
C THR B 103 21.80 12.13 9.64
N GLN B 104 21.76 11.11 8.76
CA GLN B 104 22.95 10.65 8.07
C GLN B 104 23.28 11.55 6.88
N ALA B 105 22.26 11.85 6.07
CA ALA B 105 22.38 12.82 5.00
C ALA B 105 22.91 14.14 5.58
N ARG B 106 22.29 14.60 6.67
CA ARG B 106 22.73 15.79 7.39
C ARG B 106 24.22 15.70 7.69
N GLU B 107 24.70 14.58 8.26
CA GLU B 107 26.09 14.47 8.67
C GLU B 107 26.99 14.47 7.44
N THR B 108 26.56 13.80 6.38
CA THR B 108 27.31 13.76 5.13
C THR B 108 27.36 15.16 4.53
N ALA B 109 26.22 15.84 4.53
CA ALA B 109 26.15 17.21 4.05
C ALA B 109 27.24 18.05 4.72
N GLU B 110 27.24 18.09 6.06
CA GLU B 110 28.15 18.94 6.81
C GLU B 110 29.57 18.66 6.36
N TRP B 111 30.00 17.41 6.54
CA TRP B 111 31.38 17.04 6.29
C TRP B 111 31.83 17.54 4.92
N ALA B 112 30.94 17.43 3.93
CA ALA B 112 31.26 17.83 2.57
C ALA B 112 31.55 19.32 2.52
N ALA B 113 30.56 20.13 2.88
CA ALA B 113 30.71 21.61 2.81
C ALA B 113 31.98 21.99 3.57
N GLN B 114 32.17 21.41 4.76
CA GLN B 114 33.35 21.70 5.54
C GLN B 114 34.62 21.30 4.78
N ARG B 115 34.54 20.46 3.65
CA ARG B 115 35.73 20.28 2.78
C ARG B 115 35.46 20.80 1.37
N ASN B 116 34.57 21.79 1.25
CA ASN B 116 34.18 22.33 -0.05
C ASN B 116 34.12 21.20 -1.09
N ILE B 117 33.35 20.16 -0.78
CA ILE B 117 32.99 19.14 -1.74
C ILE B 117 31.49 19.22 -1.97
N PRO B 118 31.05 19.47 -3.22
CA PRO B 118 29.63 19.70 -3.49
C PRO B 118 28.81 18.41 -3.44
N TYR B 119 27.82 18.39 -2.53
CA TYR B 119 27.07 17.19 -2.20
C TYR B 119 25.59 17.41 -2.50
N LEU B 120 24.91 16.32 -2.85
CA LEU B 120 23.47 16.32 -3.02
C LEU B 120 22.90 15.04 -2.39
N ASP B 121 21.83 15.22 -1.61
CA ASP B 121 21.07 14.09 -1.07
C ASP B 121 20.01 13.72 -2.10
N GLY B 122 20.21 12.57 -2.75
CA GLY B 122 19.32 12.11 -3.80
C GLY B 122 18.62 10.83 -3.39
N ALA B 123 17.32 10.73 -3.73
CA ALA B 123 16.48 9.62 -3.33
C ALA B 123 15.94 8.90 -4.57
N ILE B 124 16.32 7.63 -4.72
CA ILE B 124 15.88 6.80 -5.84
C ILE B 124 14.52 6.19 -5.53
N TRP B 125 13.53 6.42 -6.40
CA TRP B 125 12.33 5.60 -6.33
C TRP B 125 12.11 4.91 -7.68
N ALA B 126 12.81 3.78 -7.87
CA ALA B 126 12.59 2.89 -9.01
C ALA B 126 13.19 1.50 -8.77
N PHE B 127 12.91 0.57 -9.69
CA PHE B 127 13.47 -0.78 -9.63
C PHE B 127 14.37 -1.00 -10.84
N PRO B 128 15.46 -1.78 -10.70
CA PRO B 128 16.49 -1.85 -11.74
C PRO B 128 15.92 -1.56 -13.13
N PRO B 129 15.13 -2.47 -13.73
CA PRO B 129 14.42 -2.14 -14.97
C PRO B 129 13.97 -0.69 -15.06
N VAL B 130 13.12 -0.26 -14.12
CA VAL B 130 12.46 1.04 -14.19
C VAL B 130 13.47 2.16 -14.42
N ILE B 131 14.69 2.02 -13.89
CA ILE B 131 15.70 3.06 -13.99
C ILE B 131 15.81 3.52 -15.44
N GLY B 132 15.83 4.85 -15.63
CA GLY B 132 16.00 5.43 -16.96
C GLY B 132 14.66 5.63 -17.67
N THR B 133 13.57 5.07 -17.12
CA THR B 133 12.29 5.15 -17.81
C THR B 133 11.47 6.28 -17.20
N ASP B 134 10.38 6.59 -17.90
CA ASP B 134 9.45 7.62 -17.47
C ASP B 134 8.69 7.11 -16.25
N GLY B 135 8.90 5.83 -15.91
CA GLY B 135 8.45 5.31 -14.63
C GLY B 135 9.24 5.90 -13.46
N ALA B 136 10.56 5.69 -13.51
CA ALA B 136 11.43 6.04 -12.40
C ALA B 136 11.22 7.48 -11.95
N VAL B 137 11.51 7.72 -10.67
CA VAL B 137 11.32 9.02 -10.04
C VAL B 137 12.36 9.19 -8.94
N LEU B 138 13.07 10.33 -8.98
CA LEU B 138 14.12 10.65 -8.02
C LEU B 138 13.78 11.96 -7.31
N LEU B 139 14.05 12.01 -6.00
CA LEU B 139 13.89 13.21 -5.19
C LEU B 139 15.27 13.57 -4.66
N TYR B 140 15.77 14.75 -5.06
CA TYR B 140 17.06 15.22 -4.60
C TYR B 140 16.83 16.42 -3.70
N SER B 141 17.85 16.77 -2.91
CA SER B 141 17.86 17.99 -2.11
C SER B 141 19.30 18.46 -1.93
N GLY B 142 19.57 19.77 -2.02
CA GLY B 142 20.88 20.41 -2.04
C GLY B 142 20.88 21.80 -2.68
N HIS B 143 22.03 22.18 -3.25
CA HIS B 143 22.32 23.55 -3.66
C HIS B 143 21.63 23.92 -4.97
N LYS B 144 20.57 24.89 -4.84
CA LYS B 144 19.85 25.45 -6.01
C LYS B 144 20.82 25.54 -7.19
N SER B 145 21.92 26.27 -6.97
CA SER B 145 22.93 26.49 -7.99
C SER B 145 23.22 25.18 -8.71
N ALA B 146 23.69 24.18 -7.95
CA ALA B 146 24.13 22.91 -8.50
C ALA B 146 23.01 22.26 -9.33
N PHE B 147 21.77 22.39 -8.86
CA PHE B 147 20.65 21.71 -9.51
C PHE B 147 20.62 22.10 -10.98
N GLU B 148 20.55 23.42 -11.24
CA GLU B 148 20.41 23.95 -12.58
C GLU B 148 21.39 23.24 -13.53
N ALA B 149 22.64 23.07 -13.08
CA ALA B 149 23.76 22.66 -13.91
C ALA B 149 23.56 21.31 -14.59
N HIS B 150 22.96 20.35 -13.87
CA HIS B 150 22.86 19.00 -14.39
C HIS B 150 21.42 18.49 -14.31
N GLU B 151 20.46 19.42 -14.16
CA GLU B 151 19.04 19.10 -14.23
C GLU B 151 18.79 18.20 -15.43
N SER B 152 19.15 18.71 -16.62
CA SER B 152 18.97 18.01 -17.87
C SER B 152 19.63 16.63 -17.80
N THR B 153 20.94 16.62 -17.49
CA THR B 153 21.70 15.39 -17.38
C THR B 153 21.04 14.49 -16.32
N LEU B 154 20.65 15.09 -15.20
CA LEU B 154 20.04 14.35 -14.10
C LEU B 154 18.75 13.68 -14.56
N LYS B 155 17.99 14.37 -15.43
CA LYS B 155 16.71 13.86 -15.89
C LYS B 155 16.93 12.51 -16.57
N ALA B 156 18.15 12.25 -17.07
CA ALA B 156 18.45 11.05 -17.82
C ALA B 156 18.01 9.80 -17.06
N ILE B 157 18.15 9.79 -15.73
CA ILE B 157 17.89 8.60 -14.93
C ILE B 157 16.40 8.51 -14.57
N ALA B 158 15.79 9.66 -14.24
CA ALA B 158 14.36 9.73 -13.95
C ALA B 158 13.75 10.77 -14.87
N PRO B 159 13.61 10.43 -16.17
CA PRO B 159 13.25 11.40 -17.18
C PRO B 159 11.84 11.93 -16.96
N ALA B 160 11.02 11.13 -16.29
CA ALA B 160 9.69 11.60 -15.89
C ALA B 160 9.80 12.56 -14.72
N ALA B 161 10.56 12.21 -13.68
CA ALA B 161 10.55 13.00 -12.46
C ALA B 161 11.89 12.92 -11.76
N THR B 162 12.92 13.51 -12.38
CA THR B 162 14.06 14.01 -11.64
C THR B 162 13.61 15.34 -11.03
N THR B 163 13.64 15.43 -9.68
CA THR B 163 12.94 16.47 -8.93
C THR B 163 13.73 16.88 -7.69
N TYR B 164 13.59 18.15 -7.29
CA TYR B 164 14.48 18.76 -6.30
C TYR B 164 13.68 19.48 -5.20
N LEU B 165 14.09 19.29 -3.94
CA LEU B 165 13.41 19.88 -2.79
C LEU B 165 14.14 21.14 -2.36
N GLU B 166 13.75 21.69 -1.20
CA GLU B 166 14.54 22.72 -0.53
C GLU B 166 16.00 22.27 -0.44
N GLU B 167 16.82 23.14 0.16
CA GLU B 167 18.26 22.89 0.20
C GLU B 167 18.60 21.78 1.20
N ASP B 168 17.70 21.44 2.12
CA ASP B 168 18.00 20.48 3.17
C ASP B 168 18.11 19.07 2.60
N HIS B 169 19.23 18.41 2.93
CA HIS B 169 19.48 17.04 2.55
C HIS B 169 18.56 16.12 3.36
N GLY B 170 18.59 16.29 4.68
CA GLY B 170 17.70 15.55 5.56
C GLY B 170 16.45 15.08 4.82
N LEU B 171 15.72 16.03 4.22
CA LEU B 171 14.40 15.79 3.68
C LEU B 171 14.44 14.70 2.61
N SER B 172 15.23 14.90 1.56
CA SER B 172 15.29 13.91 0.50
C SER B 172 15.31 12.53 1.13
N SER B 173 16.27 12.31 2.04
CA SER B 173 16.43 11.05 2.76
C SER B 173 15.17 10.77 3.59
N LEU B 174 14.71 11.78 4.33
CA LEU B 174 13.61 11.59 5.24
C LEU B 174 12.45 10.96 4.48
N TYR B 175 11.92 11.71 3.51
CA TYR B 175 10.92 11.22 2.58
C TYR B 175 11.19 9.77 2.21
N ASP B 176 12.41 9.52 1.72
CA ASP B 176 12.75 8.18 1.28
C ASP B 176 12.28 7.17 2.33
N MET B 177 12.70 7.40 3.58
CA MET B 177 12.32 6.54 4.68
C MET B 177 10.79 6.40 4.70
N ALA B 178 10.08 7.54 4.85
CA ALA B 178 8.63 7.58 4.98
C ALA B 178 7.94 6.55 4.07
N VAL B 179 8.34 6.60 2.80
CA VAL B 179 7.76 5.76 1.77
C VAL B 179 8.09 4.30 1.99
N LEU B 180 9.37 3.96 2.01
CA LEU B 180 9.77 2.57 2.07
C LEU B 180 8.85 1.82 3.04
N GLY B 181 8.42 2.50 4.11
CA GLY B 181 7.54 1.87 5.08
C GLY B 181 6.18 1.54 4.50
N ILE B 182 5.49 2.59 4.08
CA ILE B 182 4.46 2.39 3.10
C ILE B 182 4.85 1.21 2.22
N MET B 183 5.99 1.31 1.56
CA MET B 183 6.33 0.31 0.57
C MET B 183 6.26 -1.09 1.20
N TRP B 184 6.84 -1.27 2.38
CA TRP B 184 6.80 -2.60 2.97
C TRP B 184 5.34 -2.97 3.30
N GLY B 185 4.66 -2.03 3.99
CA GLY B 185 3.26 -2.17 4.34
C GLY B 185 2.46 -2.89 3.24
N ILE B 186 2.83 -2.61 1.99
CA ILE B 186 2.24 -3.26 0.84
C ILE B 186 2.78 -4.69 0.68
N LEU B 187 4.04 -4.79 0.28
CA LEU B 187 4.66 -6.08 0.02
C LEU B 187 4.12 -7.12 1.01
N ASN B 188 3.93 -6.69 2.25
CA ASN B 188 3.39 -7.55 3.29
C ASN B 188 1.96 -7.97 2.98
N GLY B 189 1.05 -6.98 3.06
CA GLY B 189 -0.36 -7.20 2.75
C GLY B 189 -0.52 -8.09 1.53
N PHE B 190 0.27 -7.81 0.49
CA PHE B 190 0.23 -8.55 -0.75
C PHE B 190 0.71 -9.98 -0.49
N LEU B 191 1.95 -10.11 -0.05
CA LEU B 191 2.50 -11.45 0.14
C LEU B 191 1.58 -12.25 1.05
N HIS B 192 1.03 -11.59 2.07
CA HIS B 192 0.10 -12.26 2.95
C HIS B 192 -1.16 -12.63 2.18
N GLY B 193 -1.87 -11.59 1.72
CA GLY B 193 -2.99 -11.76 0.82
C GLY B 193 -2.76 -12.91 -0.15
N ALA B 194 -1.56 -13.01 -0.70
CA ALA B 194 -1.27 -14.01 -1.71
C ALA B 194 -1.28 -15.39 -1.08
N ALA B 195 -0.66 -15.48 0.10
CA ALA B 195 -0.63 -16.71 0.87
C ALA B 195 -2.06 -17.16 1.11
N LEU B 196 -2.90 -16.18 1.47
CA LEU B 196 -4.32 -16.35 1.67
C LEU B 196 -4.96 -17.10 0.50
N LEU B 197 -4.87 -16.51 -0.70
CA LEU B 197 -5.51 -17.09 -1.86
C LEU B 197 -4.69 -18.28 -2.33
N GLY B 198 -3.43 -18.33 -1.89
CA GLY B 198 -2.68 -19.57 -1.94
C GLY B 198 -3.57 -20.74 -1.52
N THR B 199 -4.14 -20.64 -0.31
CA THR B 199 -4.92 -21.71 0.28
C THR B 199 -5.99 -22.17 -0.70
N ALA B 200 -6.51 -21.23 -1.49
CA ALA B 200 -7.57 -21.53 -2.43
C ALA B 200 -7.02 -21.93 -3.80
N LYS B 201 -5.78 -22.41 -3.85
CA LYS B 201 -5.16 -22.81 -5.11
C LYS B 201 -5.34 -21.67 -6.13
N VAL B 202 -4.86 -20.47 -5.79
CA VAL B 202 -4.97 -19.28 -6.62
C VAL B 202 -3.58 -18.72 -6.92
N LYS B 203 -3.17 -18.79 -8.19
CA LYS B 203 -1.87 -18.27 -8.60
C LYS B 203 -1.81 -16.79 -8.25
N ALA B 204 -0.71 -16.38 -7.63
CA ALA B 204 -0.41 -14.96 -7.45
C ALA B 204 -0.51 -14.25 -8.78
N GLU B 205 0.09 -14.85 -9.81
CA GLU B 205 -0.04 -14.39 -11.19
C GLU B 205 -1.45 -13.86 -11.41
N THR B 206 -2.44 -14.68 -11.02
CA THR B 206 -3.84 -14.29 -11.05
C THR B 206 -4.09 -13.11 -10.13
N PHE B 207 -3.79 -13.31 -8.85
CA PHE B 207 -4.12 -12.36 -7.81
C PHE B 207 -3.53 -10.98 -8.11
N ALA B 208 -2.21 -10.92 -8.27
CA ALA B 208 -1.47 -9.66 -8.38
C ALA B 208 -2.25 -8.63 -9.17
N PRO B 209 -2.54 -8.83 -10.48
CA PRO B 209 -3.27 -7.82 -11.25
C PRO B 209 -4.24 -7.01 -10.39
N LEU B 210 -5.17 -7.71 -9.76
CA LEU B 210 -6.21 -7.09 -8.95
C LEU B 210 -5.60 -6.37 -7.75
N ALA B 211 -4.64 -7.01 -7.11
CA ALA B 211 -3.83 -6.30 -6.14
C ALA B 211 -3.45 -4.95 -6.74
N ASN B 212 -2.71 -4.98 -7.85
CA ASN B 212 -2.12 -3.78 -8.42
C ASN B 212 -3.23 -2.76 -8.69
N THR B 213 -4.38 -3.31 -9.12
CA THR B 213 -5.60 -2.53 -9.27
C THR B 213 -5.86 -1.77 -7.96
N MET B 214 -6.04 -2.52 -6.87
CA MET B 214 -6.34 -1.96 -5.56
C MET B 214 -5.15 -1.17 -5.05
N ILE B 215 -3.93 -1.61 -5.44
CA ILE B 215 -2.68 -0.96 -5.06
C ILE B 215 -2.69 0.48 -5.60
N SER B 216 -3.07 0.64 -6.86
CA SER B 216 -3.30 1.98 -7.41
C SER B 216 -4.51 2.63 -6.73
N ALA B 217 -5.53 1.81 -6.45
CA ALA B 217 -6.89 2.28 -6.21
C ALA B 217 -7.04 3.11 -4.94
N ILE B 218 -6.19 2.87 -3.94
CA ILE B 218 -6.42 3.38 -2.61
C ILE B 218 -5.81 4.76 -2.46
N THR B 219 -4.53 4.85 -2.87
CA THR B 219 -3.73 6.06 -2.79
C THR B 219 -4.63 7.29 -2.97
N GLU B 220 -5.63 7.16 -3.85
CA GLU B 220 -6.66 8.18 -3.96
C GLU B 220 -7.17 8.54 -2.57
N TYR B 221 -7.95 7.64 -1.96
CA TYR B 221 -8.76 7.99 -0.82
C TYR B 221 -7.88 8.48 0.33
N VAL B 222 -6.72 7.84 0.47
CA VAL B 222 -5.70 8.24 1.45
C VAL B 222 -5.57 9.75 1.50
N THR B 223 -5.29 10.35 0.34
CA THR B 223 -5.08 11.78 0.21
C THR B 223 -6.24 12.54 0.87
N ALA B 224 -7.46 12.01 0.77
CA ALA B 224 -8.62 12.62 1.41
C ALA B 224 -8.45 12.76 2.92
N TYR B 225 -7.60 11.90 3.51
CA TYR B 225 -7.30 11.99 4.92
C TYR B 225 -6.45 13.23 5.18
N ALA B 226 -5.42 13.46 4.34
CA ALA B 226 -4.35 14.39 4.65
C ALA B 226 -4.90 15.63 5.37
N PRO B 227 -5.79 16.40 4.73
CA PRO B 227 -6.55 17.44 5.42
C PRO B 227 -6.95 17.15 6.86
N GLN B 228 -7.56 15.99 7.11
CA GLN B 228 -8.02 15.65 8.45
C GLN B 228 -6.84 15.67 9.42
N VAL B 229 -5.69 15.14 8.96
CA VAL B 229 -4.48 15.05 9.76
C VAL B 229 -3.92 16.45 9.95
N ASP B 230 -3.58 17.08 8.83
CA ASP B 230 -3.19 18.48 8.81
C ASP B 230 -4.13 19.23 9.74
N GLU B 231 -5.45 19.01 9.60
CA GLU B 231 -6.43 19.63 10.50
C GLU B 231 -6.37 18.94 11.86
N GLY B 232 -7.52 18.48 12.38
CA GLY B 232 -7.56 17.86 13.70
C GLY B 232 -8.63 16.77 13.75
N ARG B 233 -9.88 17.19 13.95
CA ARG B 233 -11.01 16.30 14.14
C ARG B 233 -10.98 15.21 13.08
N TYR B 234 -11.23 13.99 13.53
CA TYR B 234 -11.23 12.85 12.63
C TYR B 234 -12.65 12.36 12.49
N GLU B 235 -13.63 13.27 12.54
CA GLU B 235 -14.97 12.98 12.04
C GLU B 235 -14.79 11.98 10.91
N ALA B 236 -15.41 10.80 11.05
CA ALA B 236 -15.24 9.72 10.07
C ALA B 236 -16.20 9.91 8.91
N THR B 237 -15.75 9.58 7.68
CA THR B 237 -16.64 9.56 6.52
C THR B 237 -16.68 8.13 5.99
N ASP B 238 -15.50 7.68 5.57
CA ASP B 238 -15.21 6.29 5.23
C ASP B 238 -15.87 5.33 6.20
N ALA B 239 -15.33 5.29 7.43
CA ALA B 239 -15.52 4.20 8.34
C ALA B 239 -14.82 4.54 9.66
N THR B 240 -15.49 4.14 10.75
CA THR B 240 -14.94 4.33 12.08
C THR B 240 -13.76 3.38 12.30
N MET B 241 -12.98 3.68 13.32
CA MET B 241 -11.99 2.73 13.78
C MET B 241 -12.73 1.43 14.03
N THR B 242 -13.86 1.54 14.73
CA THR B 242 -14.47 0.39 15.36
C THR B 242 -14.84 -0.62 14.27
N VAL B 243 -15.22 -0.10 13.10
CA VAL B 243 -15.44 -0.95 11.95
C VAL B 243 -14.12 -1.60 11.61
N HIS B 244 -13.14 -0.81 11.17
CA HIS B 244 -11.83 -1.36 10.81
C HIS B 244 -11.48 -2.43 11.82
N GLN B 245 -11.61 -2.08 13.11
CA GLN B 245 -11.26 -2.95 14.21
C GLN B 245 -11.86 -4.33 13.95
N ALA B 246 -13.19 -4.39 13.87
CA ALA B 246 -13.88 -5.65 13.67
C ALA B 246 -13.30 -6.37 12.45
N ALA B 247 -13.14 -5.63 11.36
CA ALA B 247 -12.73 -6.23 10.10
C ALA B 247 -11.41 -6.98 10.26
N MET B 248 -10.49 -6.32 10.97
CA MET B 248 -9.17 -6.86 11.21
C MET B 248 -9.33 -8.22 11.91
N GLU B 249 -10.26 -8.29 12.88
CA GLU B 249 -10.53 -9.57 13.51
C GLU B 249 -10.73 -10.56 12.38
N LEU B 250 -11.82 -10.35 11.63
CA LEU B 250 -12.16 -11.25 10.54
C LEU B 250 -10.90 -11.70 9.81
N LEU B 251 -10.10 -10.71 9.35
CA LEU B 251 -8.89 -11.01 8.60
C LEU B 251 -8.01 -11.97 9.40
N ALA B 252 -7.69 -11.54 10.63
CA ALA B 252 -6.94 -12.39 11.54
C ALA B 252 -7.65 -13.74 11.61
N GLU B 253 -8.93 -13.68 12.00
CA GLU B 253 -9.77 -14.86 12.10
C GLU B 253 -9.59 -15.64 10.80
N GLU B 254 -9.71 -14.98 9.64
CA GLU B 254 -9.53 -15.68 8.38
C GLU B 254 -8.21 -16.42 8.43
N SER B 255 -7.12 -15.66 8.49
CA SER B 255 -5.79 -16.21 8.31
C SER B 255 -5.65 -17.46 9.16
N GLU B 256 -5.96 -17.28 10.45
CA GLU B 256 -5.83 -18.35 11.43
C GLU B 256 -6.57 -19.57 10.92
N HIS B 257 -7.88 -19.40 10.70
CA HIS B 257 -8.72 -20.48 10.20
C HIS B 257 -8.00 -21.23 9.08
N LEU B 258 -7.41 -20.46 8.18
CA LEU B 258 -6.91 -21.00 6.93
C LEU B 258 -5.59 -21.73 7.13
N GLY B 259 -4.91 -21.46 8.25
CA GLY B 259 -3.71 -22.18 8.61
C GLY B 259 -2.46 -21.50 8.03
N ILE B 260 -2.41 -20.18 8.22
CA ILE B 260 -1.28 -19.40 7.77
C ILE B 260 -0.93 -18.36 8.82
N HIS B 261 0.33 -17.89 8.75
CA HIS B 261 0.83 -16.87 9.63
C HIS B 261 -0.26 -15.84 9.88
N SER B 262 -0.50 -15.53 11.16
CA SER B 262 -1.57 -14.63 11.56
C SER B 262 -1.03 -13.48 12.41
N GLU B 263 0.27 -13.49 12.72
CA GLU B 263 0.81 -12.55 13.69
C GLU B 263 0.54 -11.10 13.23
N LEU B 264 0.64 -10.87 11.92
CA LEU B 264 0.57 -9.52 11.39
C LEU B 264 -0.76 -8.89 11.81
N PRO B 265 -1.91 -9.36 11.26
CA PRO B 265 -3.19 -8.72 11.51
C PRO B 265 -3.52 -8.62 13.01
N ARG B 266 -3.20 -9.71 13.72
CA ARG B 266 -3.36 -9.71 15.16
C ARG B 266 -2.76 -8.39 15.68
N PHE B 267 -1.56 -8.05 15.19
CA PHE B 267 -0.99 -6.72 15.57
C PHE B 267 -1.99 -5.63 15.15
N PHE B 268 -2.16 -5.39 13.85
CA PHE B 268 -3.17 -4.38 13.39
C PHE B 268 -4.27 -4.17 14.41
N LYS B 269 -4.91 -5.26 14.86
CA LYS B 269 -6.04 -5.13 15.77
C LYS B 269 -5.56 -4.41 17.03
N THR B 270 -4.58 -5.00 17.73
CA THR B 270 -4.05 -4.37 18.98
C THR B 270 -4.04 -2.86 18.83
N LEU B 271 -3.61 -2.34 17.68
CA LEU B 271 -3.51 -0.90 17.54
C LEU B 271 -4.92 -0.33 17.51
N ALA B 272 -5.70 -0.83 16.56
CA ALA B 272 -7.11 -0.48 16.52
C ALA B 272 -7.60 -0.43 17.96
N ASP B 273 -7.40 -1.56 18.66
CA ASP B 273 -7.84 -1.69 20.04
C ASP B 273 -7.34 -0.48 20.84
N ARG B 274 -6.03 -0.21 20.75
CA ARG B 274 -5.47 0.93 21.44
C ARG B 274 -6.24 2.19 21.05
N ALA B 275 -6.24 2.50 19.75
CA ALA B 275 -6.82 3.76 19.27
C ALA B 275 -8.22 3.92 19.84
N VAL B 276 -8.97 2.83 19.77
CA VAL B 276 -10.31 2.80 20.32
C VAL B 276 -10.22 3.15 21.80
N ALA B 277 -9.44 2.34 22.52
CA ALA B 277 -9.20 2.55 23.94
C ALA B 277 -8.84 4.02 24.19
N ASP B 278 -8.12 4.62 23.24
CA ASP B 278 -7.60 5.97 23.44
C ASP B 278 -8.65 6.97 22.99
N GLY B 279 -9.89 6.51 22.83
CA GLY B 279 -11.00 7.39 22.55
C GLY B 279 -11.53 7.14 21.15
N HIS B 280 -10.76 7.60 20.15
CA HIS B 280 -11.25 7.77 18.80
C HIS B 280 -11.65 6.43 18.20
N ALA B 281 -12.82 5.93 18.60
CA ALA B 281 -13.42 4.75 18.00
C ALA B 281 -14.24 5.17 16.79
N GLU B 282 -14.90 6.33 16.94
CA GLU B 282 -15.78 6.88 15.94
C GLU B 282 -14.98 7.51 14.81
N ASN B 283 -13.72 7.82 15.07
CA ASN B 283 -12.98 8.65 14.13
C ASN B 283 -12.46 7.76 13.00
N SER B 284 -12.15 8.43 11.89
CA SER B 284 -11.60 7.77 10.73
C SER B 284 -10.31 7.08 11.15
N TYR B 285 -9.82 6.17 10.31
CA TYR B 285 -8.55 5.53 10.55
C TYR B 285 -7.44 6.58 10.67
N ALA B 286 -7.68 7.77 10.11
CA ALA B 286 -6.85 8.93 10.40
C ALA B 286 -6.27 8.86 11.82
N ALA B 287 -7.16 8.83 12.80
CA ALA B 287 -6.79 8.96 14.20
C ALA B 287 -5.58 8.09 14.55
N MET B 288 -5.49 6.92 13.95
CA MET B 288 -4.33 6.07 14.16
C MET B 288 -3.04 6.86 14.30
N ILE B 289 -2.87 7.92 13.50
CA ILE B 289 -1.68 8.76 13.60
C ILE B 289 -1.38 9.05 15.06
N GLU B 290 -2.36 9.54 15.83
CA GLU B 290 -2.10 9.97 17.19
C GLU B 290 -1.34 8.88 17.94
N LEU B 291 -1.57 7.61 17.58
CA LEU B 291 -0.86 6.49 18.19
C LEU B 291 0.60 6.45 17.73
N PHE B 292 0.92 7.00 16.55
CA PHE B 292 2.30 7.05 16.07
C PHE B 292 3.10 8.19 16.72
N ARG B 293 2.46 9.32 16.96
CA ARG B 293 3.04 10.37 17.79
C ARG B 293 3.50 9.83 19.14
N LYS B 294 2.93 8.69 19.57
CA LYS B 294 3.29 8.05 20.83
C LYS B 294 4.39 7.00 20.63
N PRO B 295 5.61 7.26 21.17
CA PRO B 295 6.78 6.44 20.85
C PRO B 295 6.74 5.01 21.38
N THR B 296 7.60 4.15 20.81
CA THR B 296 7.66 2.73 21.13
C THR B 296 8.38 2.55 22.45
#